data_4AUQ
#
_entry.id   4AUQ
#
_cell.length_a   100.640
_cell.length_b   100.640
_cell.length_c   123.899
_cell.angle_alpha   90.00
_cell.angle_beta   90.00
_cell.angle_gamma   90.00
#
_symmetry.space_group_name_H-M   'P 43 21 2'
#
loop_
_entity.id
_entity.type
_entity.pdbx_description
1 polymer 'UBIQUITIN-CONJUGATING ENZYME E2 D2'
2 polymer 'BACULOVIRAL IAP REPEAT-CONTAINING PROTEIN 7'
3 polymer POLYUBIQUITIN-C
4 non-polymer 'ZINC ION'
5 water water
#
loop_
_entity_poly.entity_id
_entity_poly.type
_entity_poly.pdbx_seq_one_letter_code
_entity_poly.pdbx_strand_id
1 'polypeptide(L)'
;MALKRIHKELNDLARDPPAQCRAGPVGDDMFHWQATIMGPNDSPYQGGVFFLTIHFPTDYPFKPPKVAFTTRIYHPAINS
NGSISLDILRSQWSPALTISKVLLSICSLLCDPNPDDPLVPEIARIYKTDREKYNRIAREWTQKYAM
;
A,D
2 'polypeptide(L)' GSVEAQLRRLQEERTCKVCLDRAVSIVFVPCGHLVCAECAPGLQLCPICRAPVRSRVRTFLS B,E
3 'polypeptide(L)'
;GSGGSMQIFVKTLTGKTITLEVEPSDTIENVKAKIQDKEGIPPDQQRLIFAGKQLEDGRTLSDYNIQKESTLHLVLRLRG
G
;
C,F
#
loop_
_chem_comp.id
_chem_comp.type
_chem_comp.name
_chem_comp.formula
ZN non-polymer 'ZINC ION' 'Zn 2'
#
# COMPACT_ATOMS: atom_id res chain seq x y z
N ALA A 2 -2.97 -10.82 22.95
CA ALA A 2 -3.47 -9.59 23.52
C ALA A 2 -2.33 -8.75 24.12
N LEU A 3 -1.34 -9.45 24.68
CA LEU A 3 -0.32 -8.77 25.48
C LEU A 3 0.49 -7.80 24.62
N LYS A 4 1.01 -8.30 23.49
CA LYS A 4 1.77 -7.44 22.55
C LYS A 4 0.93 -6.22 22.17
N ARG A 5 -0.31 -6.46 21.78
CA ARG A 5 -1.19 -5.38 21.37
C ARG A 5 -1.31 -4.37 22.50
N ILE A 6 -1.49 -4.86 23.71
CA ILE A 6 -1.64 -3.96 24.82
C ILE A 6 -0.33 -3.18 25.07
N HIS A 7 0.83 -3.83 24.88
CA HIS A 7 2.12 -3.13 25.04
C HIS A 7 2.26 -2.02 23.99
N LYS A 8 1.94 -2.34 22.75
CA LYS A 8 2.07 -1.37 21.67
C LYS A 8 1.18 -0.15 21.95
N GLU A 9 -0.03 -0.39 22.47
CA GLU A 9 -0.95 0.69 22.83
C GLU A 9 -0.36 1.57 23.89
N LEU A 10 0.12 0.93 24.93
CA LEU A 10 0.73 1.64 26.01
C LEU A 10 1.87 2.53 25.51
N ASN A 11 2.68 2.04 24.57
CA ASN A 11 3.76 2.87 24.02
C ASN A 11 3.22 4.10 23.28
N ASP A 12 2.20 3.91 22.46
CA ASP A 12 1.62 5.03 21.73
C ASP A 12 1.02 6.09 22.66
N LEU A 13 0.64 5.66 23.86
CA LEU A 13 0.19 6.60 24.89
C LEU A 13 1.34 7.40 25.41
N ALA A 14 2.42 6.72 25.75
CA ALA A 14 3.63 7.41 26.17
C ALA A 14 4.03 8.45 25.11
N ARG A 15 3.91 8.08 23.84
CA ARG A 15 4.37 8.92 22.74
C ARG A 15 3.44 10.08 22.39
N ASP A 16 2.15 9.80 22.28
CA ASP A 16 1.21 10.82 21.81
C ASP A 16 -0.12 10.75 22.54
N PRO A 17 -0.13 11.09 23.84
CA PRO A 17 -1.35 11.03 24.63
C PRO A 17 -2.29 12.15 24.27
N PRO A 18 -3.61 11.91 24.34
CA PRO A 18 -4.47 13.06 24.07
C PRO A 18 -4.47 13.91 25.31
N ALA A 19 -5.14 15.05 25.24
CA ALA A 19 -4.99 16.06 26.23
C ALA A 19 -5.80 15.79 27.50
N GLN A 20 -6.96 15.17 27.37
CA GLN A 20 -7.85 15.08 28.52
C GLN A 20 -7.82 13.76 29.30
N CYS A 21 -6.97 12.83 28.89
CA CYS A 21 -6.98 11.49 29.49
C CYS A 21 -5.58 10.97 29.75
N ARG A 22 -5.44 10.16 30.79
CA ARG A 22 -4.26 9.32 31.00
C ARG A 22 -4.69 7.89 31.34
N ALA A 23 -3.86 6.91 31.05
CA ALA A 23 -4.17 5.54 31.44
C ALA A 23 -2.94 4.66 31.48
N GLY A 24 -3.00 3.58 32.26
CA GLY A 24 -1.89 2.66 32.35
C GLY A 24 -2.12 1.56 33.38
N PRO A 25 -1.27 0.52 33.34
CA PRO A 25 -1.38 -0.66 34.21
C PRO A 25 -1.32 -0.27 35.65
N VAL A 26 -2.11 -0.91 36.49
CA VAL A 26 -2.17 -0.59 37.89
C VAL A 26 -0.88 -1.10 38.52
N GLY A 27 -0.74 -2.42 38.45
CA GLY A 27 0.38 -3.14 39.00
C GLY A 27 1.40 -3.44 37.92
N ASP A 28 1.93 -4.64 38.05
CA ASP A 28 2.65 -5.32 36.98
C ASP A 28 1.67 -6.09 36.08
N ASP A 29 0.37 -5.93 36.32
CA ASP A 29 -0.62 -6.70 35.58
C ASP A 29 -1.06 -5.89 34.38
N MET A 30 -0.64 -6.34 33.21
CA MET A 30 -0.86 -5.55 32.01
C MET A 30 -2.32 -5.58 31.56
N PHE A 31 -3.12 -6.46 32.13
CA PHE A 31 -4.54 -6.61 31.75
C PHE A 31 -5.52 -5.82 32.63
N HIS A 32 -5.01 -5.16 33.66
CA HIS A 32 -5.82 -4.34 34.56
CA HIS A 32 -5.82 -4.35 34.56
C HIS A 32 -5.25 -2.94 34.59
N TRP A 33 -5.99 -1.98 34.03
CA TRP A 33 -5.51 -0.59 33.97
C TRP A 33 -6.38 0.37 34.78
N GLN A 34 -5.78 1.51 35.13
CA GLN A 34 -6.51 2.63 35.71
C GLN A 34 -6.47 3.75 34.70
N ALA A 35 -7.51 4.56 34.65
CA ALA A 35 -7.51 5.69 33.74
C ALA A 35 -7.99 6.95 34.42
N THR A 36 -7.64 8.08 33.82
CA THR A 36 -8.07 9.40 34.24
C THR A 36 -8.69 10.17 33.10
N ILE A 37 -9.85 10.77 33.33
CA ILE A 37 -10.44 11.65 32.35
C ILE A 37 -10.73 13.02 32.93
N MET A 38 -10.25 14.07 32.27
CA MET A 38 -10.54 15.43 32.71
C MET A 38 -11.95 15.79 32.28
N GLY A 39 -12.69 16.42 33.17
CA GLY A 39 -13.99 16.94 32.79
C GLY A 39 -13.81 18.01 31.74
N PRO A 40 -14.63 17.95 30.68
CA PRO A 40 -14.57 18.93 29.60
C PRO A 40 -14.92 20.34 30.07
N ASN A 41 -14.19 21.34 29.57
CA ASN A 41 -14.41 22.72 29.95
C ASN A 41 -15.74 23.28 29.46
N ASP A 42 -16.18 24.36 30.08
CA ASP A 42 -17.47 24.96 29.73
C ASP A 42 -18.55 23.88 29.64
N SER A 43 -18.48 22.96 30.60
CA SER A 43 -19.51 21.93 30.83
C SER A 43 -19.68 21.83 32.35
N PRO A 44 -20.75 21.16 32.80
CA PRO A 44 -20.96 21.01 34.25
C PRO A 44 -19.88 20.18 34.94
N TYR A 45 -19.12 19.40 34.18
CA TYR A 45 -18.08 18.56 34.77
C TYR A 45 -16.70 19.24 34.75
N GLN A 46 -16.68 20.51 34.33
CA GLN A 46 -15.44 21.26 34.24
C GLN A 46 -14.74 21.33 35.60
N GLY A 47 -13.42 21.16 35.57
CA GLY A 47 -12.63 21.18 36.80
C GLY A 47 -12.59 19.80 37.43
N GLY A 48 -13.37 18.87 36.88
CA GLY A 48 -13.46 17.53 37.42
C GLY A 48 -12.37 16.60 36.90
N VAL A 49 -11.97 15.66 37.75
CA VAL A 49 -11.04 14.61 37.38
C VAL A 49 -11.73 13.30 37.70
N PHE A 50 -11.93 12.45 36.69
CA PHE A 50 -12.65 11.21 36.94
C PHE A 50 -11.78 9.98 36.72
N PHE A 51 -11.80 9.09 37.69
CA PHE A 51 -11.07 7.84 37.58
C PHE A 51 -11.95 6.70 37.06
N LEU A 52 -11.33 5.84 36.27
CA LEU A 52 -11.98 4.65 35.76
C LEU A 52 -11.09 3.43 35.95
N THR A 53 -11.68 2.25 35.85
CA THR A 53 -10.93 1.01 35.90
C THR A 53 -11.07 0.29 34.57
N ILE A 54 -10.01 -0.35 34.10
CA ILE A 54 -10.08 -1.03 32.81
C ILE A 54 -9.57 -2.45 32.92
N HIS A 55 -10.35 -3.38 32.38
CA HIS A 55 -9.93 -4.77 32.34
CA HIS A 55 -9.95 -4.78 32.35
C HIS A 55 -10.00 -5.31 30.90
N PHE A 56 -8.83 -5.70 30.39
CA PHE A 56 -8.73 -6.26 29.03
C PHE A 56 -8.99 -7.74 29.09
N PRO A 57 -9.84 -8.24 28.16
CA PRO A 57 -10.05 -9.69 28.05
C PRO A 57 -8.81 -10.34 27.40
N THR A 58 -8.62 -11.63 27.63
CA THR A 58 -7.44 -12.29 27.09
C THR A 58 -7.44 -12.38 25.55
N ASP A 59 -8.62 -12.25 24.93
CA ASP A 59 -8.76 -12.14 23.46
C ASP A 59 -8.84 -10.72 22.89
N TYR A 60 -8.57 -9.72 23.71
CA TYR A 60 -8.39 -8.38 23.18
C TYR A 60 -7.33 -8.41 22.04
N PRO A 61 -7.45 -7.50 21.04
CA PRO A 61 -8.61 -6.63 20.89
C PRO A 61 -9.75 -7.17 20.00
N PHE A 62 -10.10 -8.44 20.07
CA PHE A 62 -11.17 -8.90 19.20
C PHE A 62 -12.46 -8.84 19.99
N LYS A 63 -12.33 -8.62 21.29
CA LYS A 63 -13.45 -8.40 22.18
C LYS A 63 -13.16 -7.11 22.95
N PRO A 64 -14.22 -6.33 23.26
CA PRO A 64 -13.98 -5.04 23.93
C PRO A 64 -13.37 -5.16 25.35
N PRO A 65 -12.74 -4.09 25.83
CA PRO A 65 -12.31 -4.04 27.22
C PRO A 65 -13.50 -3.74 28.14
N LYS A 66 -13.43 -4.13 29.41
CA LYS A 66 -14.44 -3.71 30.37
C LYS A 66 -13.99 -2.41 31.01
N VAL A 67 -14.83 -1.39 30.90
CA VAL A 67 -14.49 -0.07 31.42
C VAL A 67 -15.63 0.48 32.31
N ALA A 68 -15.26 1.02 33.47
CA ALA A 68 -16.25 1.55 34.43
C ALA A 68 -15.66 2.70 35.24
N PHE A 69 -16.52 3.64 35.64
CA PHE A 69 -16.08 4.73 36.48
C PHE A 69 -15.89 4.25 37.90
N THR A 70 -14.80 4.70 38.52
CA THR A 70 -14.61 4.66 39.98
C THR A 70 -15.24 5.85 40.69
N THR A 71 -15.04 7.02 40.11
CA THR A 71 -15.48 8.29 40.66
C THR A 71 -16.98 8.45 40.42
N ARG A 72 -17.70 8.85 41.45
CA ARG A 72 -19.14 9.06 41.35
C ARG A 72 -19.39 10.19 40.36
N ILE A 73 -20.41 10.05 39.52
CA ILE A 73 -20.72 11.08 38.52
C ILE A 73 -22.21 11.15 38.17
N TYR A 74 -22.67 12.35 37.85
CA TYR A 74 -24.07 12.59 37.54
C TYR A 74 -24.27 12.72 36.03
N HIS A 75 -24.96 11.74 35.44
CA HIS A 75 -25.05 11.62 33.99
C HIS A 75 -25.98 10.46 33.68
N PRO A 76 -26.85 10.62 32.67
CA PRO A 76 -27.84 9.58 32.36
C PRO A 76 -27.25 8.30 31.77
N ALA A 77 -26.01 8.36 31.29
CA ALA A 77 -25.40 7.19 30.68
C ALA A 77 -24.51 6.37 31.63
N ILE A 78 -24.37 6.82 32.88
CA ILE A 78 -23.51 6.13 33.86
C ILE A 78 -24.27 5.91 35.17
N ASN A 79 -24.37 4.66 35.61
CA ASN A 79 -25.13 4.38 36.83
C ASN A 79 -24.26 4.40 38.09
N SER A 80 -24.86 4.22 39.25
CA SER A 80 -24.14 4.39 40.50
C SER A 80 -23.07 3.33 40.71
N ASN A 81 -23.06 2.31 39.86
CA ASN A 81 -22.00 1.31 39.91
C ASN A 81 -20.83 1.67 38.99
N GLY A 82 -20.93 2.81 38.32
CA GLY A 82 -19.87 3.27 37.44
C GLY A 82 -19.97 2.71 36.04
N SER A 83 -21.00 1.90 35.81
CA SER A 83 -21.18 1.28 34.50
C SER A 83 -21.60 2.34 33.48
N ILE A 84 -21.07 2.18 32.27
CA ILE A 84 -21.21 3.16 31.23
C ILE A 84 -21.98 2.47 30.12
N SER A 85 -22.99 3.12 29.59
CA SER A 85 -23.74 2.53 28.56
C SER A 85 -23.21 3.21 27.28
N LEU A 86 -22.43 2.48 26.49
CA LEU A 86 -21.82 2.99 25.30
C LEU A 86 -21.83 1.79 24.39
N ASP A 87 -22.32 1.97 23.17
CA ASP A 87 -22.40 0.83 22.27
C ASP A 87 -21.01 0.30 21.89
N ILE A 88 -20.00 1.16 21.79
CA ILE A 88 -18.69 0.69 21.37
C ILE A 88 -18.08 -0.20 22.43
N LEU A 89 -18.64 -0.18 23.64
CA LEU A 89 -18.17 -1.11 24.65
C LEU A 89 -18.86 -2.43 24.50
N ARG A 90 -19.90 -2.50 23.67
CA ARG A 90 -20.44 -3.84 23.40
C ARG A 90 -20.55 -4.30 21.96
N SER A 91 -21.66 -4.01 21.29
CA SER A 91 -21.82 -4.66 19.99
C SER A 91 -21.29 -3.83 18.85
N GLN A 92 -21.01 -2.58 19.12
CA GLN A 92 -20.39 -1.68 18.14
C GLN A 92 -18.88 -1.58 18.30
N TRP A 93 -18.31 -2.40 19.18
CA TRP A 93 -16.85 -2.45 19.32
C TRP A 93 -16.16 -2.66 17.98
N SER A 94 -15.01 -2.00 17.80
CA SER A 94 -14.12 -2.39 16.71
C SER A 94 -12.72 -2.67 17.24
N PRO A 95 -12.08 -3.74 16.72
CA PRO A 95 -10.72 -4.15 17.11
C PRO A 95 -9.64 -3.10 16.74
N ALA A 96 -9.96 -2.13 15.90
CA ALA A 96 -9.03 -1.01 15.69
C ALA A 96 -9.13 0.09 16.76
N LEU A 97 -10.17 0.07 17.59
CA LEU A 97 -10.27 1.07 18.64
C LEU A 97 -9.25 0.80 19.73
N THR A 98 -8.72 1.85 20.32
CA THR A 98 -7.73 1.72 21.38
C THR A 98 -8.31 2.37 22.62
N ILE A 99 -7.72 2.07 23.77
CA ILE A 99 -8.22 2.61 25.03
C ILE A 99 -8.26 4.13 24.93
N SER A 100 -7.21 4.69 24.35
CA SER A 100 -7.16 6.11 24.05
C SER A 100 -8.43 6.59 23.34
N LYS A 101 -8.86 5.87 22.31
CA LYS A 101 -10.04 6.30 21.58
C LYS A 101 -11.30 6.08 22.42
N VAL A 102 -11.29 5.01 23.22
CA VAL A 102 -12.43 4.70 24.06
C VAL A 102 -12.65 5.78 25.14
N LEU A 103 -11.56 6.24 25.73
CA LEU A 103 -11.64 7.28 26.75
C LEU A 103 -12.11 8.59 26.13
N LEU A 104 -11.59 8.91 24.96
CA LEU A 104 -12.03 10.11 24.26
C LEU A 104 -13.53 10.00 23.94
N SER A 105 -13.94 8.80 23.53
CA SER A 105 -15.37 8.55 23.26
C SER A 105 -16.23 8.84 24.48
N ILE A 106 -15.83 8.28 25.62
CA ILE A 106 -16.54 8.46 26.87
C ILE A 106 -16.58 9.94 27.27
N CYS A 107 -15.43 10.60 27.19
CA CYS A 107 -15.41 12.03 27.48
C CYS A 107 -16.48 12.81 26.66
N SER A 108 -16.63 12.50 25.38
CA SER A 108 -17.61 13.22 24.54
C SER A 108 -19.06 12.92 24.90
N LEU A 109 -19.29 11.82 25.60
CA LEU A 109 -20.61 11.56 26.14
C LEU A 109 -20.99 12.62 27.16
N LEU A 110 -20.02 13.03 27.95
CA LEU A 110 -20.27 13.88 29.10
C LEU A 110 -21.03 15.13 28.70
N CYS A 111 -20.54 15.81 27.66
CA CYS A 111 -21.17 17.05 27.22
C CYS A 111 -22.23 16.83 26.16
N ASP A 112 -22.39 15.57 25.76
CA ASP A 112 -23.40 15.22 24.76
C ASP A 112 -24.14 13.97 25.22
N PRO A 113 -24.82 14.05 26.38
CA PRO A 113 -25.60 12.89 26.81
C PRO A 113 -26.70 12.60 25.80
N ASN A 114 -26.80 11.33 25.40
CA ASN A 114 -27.84 10.92 24.46
C ASN A 114 -29.03 10.41 25.25
N PRO A 115 -30.10 11.21 25.26
CA PRO A 115 -31.33 10.90 25.99
C PRO A 115 -31.97 9.61 25.49
N ASP A 116 -31.56 9.14 24.32
CA ASP A 116 -32.11 7.91 23.75
C ASP A 116 -31.56 6.68 24.47
N ASP A 117 -32.45 5.88 25.04
CA ASP A 117 -32.06 4.72 25.83
C ASP A 117 -31.12 5.06 26.98
N PRO A 118 -31.59 5.89 27.91
CA PRO A 118 -30.73 6.24 29.06
C PRO A 118 -30.52 5.06 30.01
N LEU A 119 -29.35 4.98 30.62
CA LEU A 119 -29.13 3.98 31.67
C LEU A 119 -29.82 4.41 32.98
N VAL A 120 -29.89 5.72 33.22
CA VAL A 120 -30.51 6.24 34.43
C VAL A 120 -31.63 7.21 34.07
N PRO A 121 -32.83 6.68 33.76
CA PRO A 121 -33.99 7.41 33.25
C PRO A 121 -34.37 8.65 34.06
N GLU A 122 -34.33 8.56 35.38
CA GLU A 122 -34.60 9.74 36.20
C GLU A 122 -33.69 10.93 35.85
N ILE A 123 -32.41 10.65 35.62
CA ILE A 123 -31.45 11.71 35.28
C ILE A 123 -31.77 12.29 33.89
N ALA A 124 -32.13 11.42 32.95
CA ALA A 124 -32.50 11.88 31.62
C ALA A 124 -33.73 12.79 31.69
N ARG A 125 -34.73 12.34 32.43
CA ARG A 125 -35.96 13.11 32.66
C ARG A 125 -35.66 14.52 33.14
N ILE A 126 -34.73 14.65 34.08
CA ILE A 126 -34.33 15.96 34.56
C ILE A 126 -33.64 16.76 33.45
N TYR A 127 -32.76 16.10 32.70
CA TYR A 127 -32.10 16.76 31.57
C TYR A 127 -33.10 17.26 30.52
N LYS A 128 -34.15 16.48 30.29
CA LYS A 128 -35.14 16.84 29.27
C LYS A 128 -36.00 18.01 29.73
N THR A 129 -36.56 17.93 30.94
CA THR A 129 -37.45 18.98 31.43
C THR A 129 -36.68 20.23 31.88
N ASP A 130 -35.93 20.12 32.97
CA ASP A 130 -35.24 21.29 33.48
C ASP A 130 -33.72 21.15 33.37
N ARG A 131 -33.14 21.88 32.42
CA ARG A 131 -31.71 21.78 32.13
C ARG A 131 -30.90 22.59 33.13
N GLU A 132 -31.54 23.63 33.67
CA GLU A 132 -30.90 24.43 34.72
C GLU A 132 -30.59 23.52 35.90
N LYS A 133 -31.59 22.71 36.26
CA LYS A 133 -31.47 21.78 37.36
C LYS A 133 -30.36 20.77 37.10
N TYR A 134 -30.46 20.07 35.97
CA TYR A 134 -29.48 19.06 35.61
C TYR A 134 -28.05 19.57 35.74
N ASN A 135 -27.79 20.80 35.29
CA ASN A 135 -26.47 21.40 35.44
C ASN A 135 -26.05 21.58 36.89
N ARG A 136 -26.98 22.10 37.70
CA ARG A 136 -26.70 22.31 39.10
C ARG A 136 -26.23 21.02 39.79
N ILE A 137 -26.99 19.96 39.59
CA ILE A 137 -26.71 18.68 40.24
C ILE A 137 -25.38 18.13 39.72
N ALA A 138 -25.19 18.17 38.41
CA ALA A 138 -23.93 17.77 37.82
C ALA A 138 -22.75 18.55 38.42
N ARG A 139 -22.88 19.87 38.50
CA ARG A 139 -21.82 20.68 39.06
C ARG A 139 -21.55 20.28 40.52
N GLU A 140 -22.62 20.14 41.30
CA GLU A 140 -22.47 19.75 42.70
C GLU A 140 -21.78 18.40 42.83
N TRP A 141 -22.21 17.44 42.04
CA TRP A 141 -21.58 16.13 42.08
C TRP A 141 -20.11 16.21 41.73
N THR A 142 -19.80 16.96 40.69
CA THR A 142 -18.40 17.16 40.35
C THR A 142 -17.62 17.70 41.56
N GLN A 143 -18.22 18.68 42.23
CA GLN A 143 -17.61 19.31 43.40
C GLN A 143 -17.28 18.35 44.53
N LYS A 144 -18.24 17.55 44.96
CA LYS A 144 -17.96 16.58 46.00
C LYS A 144 -16.94 15.57 45.51
N TYR A 145 -17.30 14.88 44.44
CA TYR A 145 -16.60 13.66 44.04
C TYR A 145 -15.34 13.79 43.21
N ALA A 146 -15.30 14.78 42.33
CA ALA A 146 -14.26 14.87 41.30
C ALA A 146 -13.10 15.79 41.65
N MET A 147 -13.14 16.36 42.86
CA MET A 147 -12.05 17.19 43.36
C MET A 147 -11.14 16.38 44.27
N GLN B 6 13.10 7.98 10.45
CA GLN B 6 11.93 8.16 9.59
C GLN B 6 11.58 6.89 8.79
N LEU B 7 12.45 5.89 8.86
CA LEU B 7 12.11 4.56 8.34
C LEU B 7 11.01 4.02 9.23
N ARG B 8 11.01 4.48 10.47
CA ARG B 8 9.96 4.13 11.41
C ARG B 8 8.61 4.56 10.84
N ARG B 9 8.57 5.75 10.23
CA ARG B 9 7.31 6.31 9.72
C ARG B 9 6.68 5.45 8.63
N LEU B 10 7.48 5.06 7.65
CA LEU B 10 7.00 4.16 6.63
C LEU B 10 6.64 2.81 7.25
N GLN B 11 7.42 2.43 8.25
CA GLN B 11 7.19 1.15 8.92
C GLN B 11 5.83 1.16 9.60
N GLU B 12 5.45 2.29 10.16
CA GLU B 12 4.14 2.41 10.81
C GLU B 12 3.02 2.37 9.79
N GLU B 13 3.26 2.99 8.64
CA GLU B 13 2.32 3.01 7.53
C GLU B 13 1.77 1.63 7.17
N ARG B 14 2.67 0.67 7.06
CA ARG B 14 2.28 -0.65 6.58
C ARG B 14 1.89 -1.59 7.73
N THR B 15 1.85 -1.08 8.95
CA THR B 15 1.53 -1.92 10.09
C THR B 15 0.01 -2.14 10.27
N CYS B 16 -0.41 -3.38 10.37
CA CYS B 16 -1.80 -3.72 10.66
C CYS B 16 -2.27 -2.98 11.91
N LYS B 17 -3.42 -2.32 11.82
CA LYS B 17 -3.91 -1.46 12.89
C LYS B 17 -4.85 -2.21 13.87
N VAL B 18 -4.99 -3.50 13.65
CA VAL B 18 -5.61 -4.35 14.66
C VAL B 18 -4.58 -4.93 15.63
N CYS B 19 -3.64 -5.71 15.13
CA CYS B 19 -2.62 -6.33 15.98
C CYS B 19 -1.54 -5.32 16.31
N LEU B 20 -1.43 -4.25 15.51
CA LEU B 20 -0.37 -3.26 15.71
C LEU B 20 1.00 -3.91 15.59
N ASP B 21 1.08 -5.01 14.86
CA ASP B 21 2.30 -5.81 14.90
C ASP B 21 2.79 -6.15 13.50
N ARG B 22 2.07 -7.04 12.83
CA ARG B 22 2.44 -7.50 11.49
C ARG B 22 2.18 -6.45 10.40
N ALA B 23 2.87 -6.57 9.28
CA ALA B 23 2.60 -5.72 8.11
C ALA B 23 1.30 -6.15 7.44
N VAL B 24 0.56 -5.19 6.87
CA VAL B 24 -0.70 -5.49 6.15
C VAL B 24 -0.44 -6.22 4.83
N SER B 25 -1.11 -7.34 4.59
CA SER B 25 -1.16 -7.95 3.26
C SER B 25 -2.54 -8.15 2.59
N ILE B 26 -3.61 -7.91 3.32
CA ILE B 26 -4.94 -8.28 2.82
C ILE B 26 -5.74 -7.03 2.69
N VAL B 27 -6.29 -6.80 1.50
CA VAL B 27 -7.17 -5.65 1.34
C VAL B 27 -8.63 -6.11 1.35
N PHE B 28 -9.46 -5.36 2.08
CA PHE B 28 -10.89 -5.59 2.08
C PHE B 28 -11.56 -4.88 0.91
N VAL B 29 -12.46 -5.56 0.23
CA VAL B 29 -13.25 -4.88 -0.79
C VAL B 29 -14.73 -5.01 -0.48
N PRO B 30 -15.51 -3.96 -0.73
CA PRO B 30 -15.17 -2.68 -1.39
C PRO B 30 -14.31 -1.63 -0.65
N CYS B 31 -14.23 -1.63 0.69
CA CYS B 31 -13.78 -0.42 1.40
C CYS B 31 -12.31 -0.04 1.13
N GLY B 32 -11.46 -1.02 0.85
CA GLY B 32 -10.06 -0.73 0.57
C GLY B 32 -9.16 -0.57 1.79
N HIS B 33 -9.66 -0.88 2.99
CA HIS B 33 -8.78 -0.91 4.17
C HIS B 33 -7.99 -2.19 4.20
N LEU B 34 -6.81 -2.17 4.83
CA LEU B 34 -5.93 -3.35 4.83
C LEU B 34 -5.63 -3.86 6.22
N VAL B 35 -5.47 -5.18 6.34
CA VAL B 35 -5.03 -5.83 7.58
C VAL B 35 -3.99 -6.91 7.23
N CYS B 36 -3.32 -7.43 8.26
CA CYS B 36 -2.41 -8.55 8.06
C CYS B 36 -3.21 -9.84 7.87
N ALA B 37 -2.55 -10.88 7.38
CA ALA B 37 -3.23 -12.13 7.09
C ALA B 37 -3.67 -12.84 8.36
N GLU B 38 -2.96 -12.59 9.45
CA GLU B 38 -3.29 -13.22 10.72
C GLU B 38 -4.60 -12.66 11.31
N CYS B 39 -4.82 -11.37 11.16
CA CYS B 39 -6.05 -10.73 11.68
C CYS B 39 -7.29 -10.94 10.81
N ALA B 40 -7.09 -11.01 9.50
CA ALA B 40 -8.20 -11.03 8.53
C ALA B 40 -9.34 -12.00 8.85
N PRO B 41 -9.01 -13.28 9.11
CA PRO B 41 -10.07 -14.29 9.15
C PRO B 41 -11.05 -14.03 10.30
N GLY B 42 -10.62 -13.31 11.32
CA GLY B 42 -11.48 -12.99 12.44
C GLY B 42 -12.28 -11.71 12.28
N LEU B 43 -12.31 -11.14 11.08
CA LEU B 43 -13.03 -9.89 10.85
C LEU B 43 -14.18 -10.08 9.86
N GLN B 44 -15.41 -9.90 10.32
CA GLN B 44 -16.57 -9.90 9.43
C GLN B 44 -16.83 -8.54 8.81
N LEU B 45 -16.55 -7.52 9.60
CA LEU B 45 -16.70 -6.14 9.21
C LEU B 45 -15.32 -5.49 9.25
N CYS B 46 -15.14 -4.41 8.50
CA CYS B 46 -13.89 -3.67 8.55
C CYS B 46 -13.75 -2.85 9.87
N PRO B 47 -12.65 -3.07 10.59
CA PRO B 47 -12.40 -2.44 11.89
C PRO B 47 -12.21 -0.93 11.78
N ILE B 48 -11.82 -0.47 10.59
CA ILE B 48 -11.59 0.94 10.37
C ILE B 48 -12.92 1.70 10.09
N CYS B 49 -13.61 1.35 9.02
CA CYS B 49 -14.84 2.04 8.62
C CYS B 49 -16.15 1.29 8.89
N ARG B 50 -16.04 0.05 9.36
CA ARG B 50 -17.21 -0.81 9.64
C ARG B 50 -17.90 -1.38 8.40
N ALA B 51 -17.42 -1.05 7.21
CA ALA B 51 -18.06 -1.59 6.01
C ALA B 51 -17.97 -3.11 5.95
N PRO B 52 -19.04 -3.76 5.50
CA PRO B 52 -19.01 -5.22 5.41
C PRO B 52 -17.91 -5.65 4.44
N VAL B 53 -17.33 -6.83 4.64
CA VAL B 53 -16.25 -7.26 3.79
C VAL B 53 -16.79 -8.25 2.79
N ARG B 54 -16.87 -7.82 1.52
CA ARG B 54 -17.40 -8.68 0.48
C ARG B 54 -16.38 -9.70 0.04
N SER B 55 -15.12 -9.27 -0.04
CA SER B 55 -14.04 -10.22 -0.32
C SER B 55 -12.68 -9.72 0.17
N ARG B 56 -11.72 -10.64 0.21
CA ARG B 56 -10.38 -10.37 0.75
C ARG B 56 -9.34 -10.71 -0.30
N VAL B 57 -8.55 -9.72 -0.70
CA VAL B 57 -7.56 -9.94 -1.75
C VAL B 57 -6.15 -9.86 -1.17
N ARG B 58 -5.33 -10.87 -1.46
CA ARG B 58 -3.91 -10.80 -1.14
C ARG B 58 -3.23 -9.80 -2.05
N THR B 59 -2.47 -8.88 -1.46
CA THR B 59 -1.76 -7.88 -2.25
C THR B 59 -0.32 -8.31 -2.42
N PHE B 60 0.25 -7.96 -3.55
CA PHE B 60 1.66 -8.16 -3.81
C PHE B 60 2.27 -6.84 -4.19
N LEU B 61 3.34 -6.47 -3.50
CA LEU B 61 4.22 -5.40 -3.96
C LEU B 61 5.20 -6.00 -4.95
N SER B 62 5.33 -5.38 -6.12
CA SER B 62 6.22 -5.89 -7.15
C SER B 62 6.78 -4.75 -7.99
N SER C 5 -7.88 30.86 4.57
CA SER C 5 -7.97 29.52 5.14
C SER C 5 -6.91 29.33 6.23
N MET C 6 -6.69 28.07 6.60
CA MET C 6 -5.86 27.70 7.73
C MET C 6 -5.80 26.19 7.78
N GLN C 7 -4.89 25.64 8.58
CA GLN C 7 -4.79 24.20 8.67
C GLN C 7 -4.99 23.65 10.07
N ILE C 8 -5.64 22.48 10.13
CA ILE C 8 -5.90 21.79 11.37
C ILE C 8 -5.39 20.37 11.22
N PHE C 9 -5.24 19.69 12.35
CA PHE C 9 -4.80 18.30 12.33
C PHE C 9 -5.96 17.43 12.78
N VAL C 10 -6.07 16.25 12.20
CA VAL C 10 -7.03 15.28 12.68
C VAL C 10 -6.25 14.04 13.07
N LYS C 11 -6.48 13.54 14.29
CA LYS C 11 -5.84 12.28 14.65
C LYS C 11 -6.82 11.18 14.26
N THR C 12 -6.46 10.41 13.24
CA THR C 12 -7.38 9.44 12.65
C THR C 12 -7.58 8.23 13.55
N LEU C 13 -8.64 7.48 13.30
CA LEU C 13 -8.97 6.41 14.24
C LEU C 13 -7.73 5.60 14.56
N THR C 14 -7.06 5.15 13.49
CA THR C 14 -5.90 4.27 13.60
C THR C 14 -4.70 4.95 14.26
N GLY C 15 -4.80 6.26 14.46
CA GLY C 15 -3.79 7.00 15.18
C GLY C 15 -2.86 7.91 14.40
N LYS C 16 -2.77 7.74 13.08
CA LYS C 16 -1.99 8.67 12.27
C LYS C 16 -2.60 10.07 12.34
N THR C 17 -1.74 11.09 12.31
CA THR C 17 -2.26 12.46 12.22
C THR C 17 -2.15 12.99 10.81
N ILE C 18 -3.28 13.48 10.28
CA ILE C 18 -3.32 14.02 8.95
C ILE C 18 -3.59 15.50 9.04
N THR C 19 -3.16 16.23 8.02
CA THR C 19 -3.34 17.66 8.01
C THR C 19 -4.43 18.02 7.00
N LEU C 20 -5.24 19.02 7.31
CA LEU C 20 -6.30 19.45 6.43
C LEU C 20 -6.27 20.95 6.25
N GLU C 21 -6.58 21.39 5.03
CA GLU C 21 -6.80 22.80 4.77
C GLU C 21 -8.29 23.14 4.92
N VAL C 22 -8.60 24.09 5.81
CA VAL C 22 -9.99 24.40 6.11
C VAL C 22 -10.28 25.89 6.23
N GLU C 23 -11.52 26.25 5.96
CA GLU C 23 -12.04 27.59 6.20
C GLU C 23 -12.67 27.58 7.59
N PRO C 24 -12.46 28.64 8.38
CA PRO C 24 -13.10 28.66 9.70
C PRO C 24 -14.61 28.57 9.60
N SER C 25 -15.14 28.90 8.42
CA SER C 25 -16.58 28.87 8.20
C SER C 25 -17.05 27.54 7.61
N ASP C 26 -16.12 26.60 7.40
CA ASP C 26 -16.48 25.26 6.95
C ASP C 26 -17.39 24.55 7.96
N THR C 27 -18.40 23.86 7.44
CA THR C 27 -19.24 23.03 8.29
C THR C 27 -18.48 21.77 8.71
N ILE C 28 -18.94 21.17 9.80
CA ILE C 28 -18.46 19.86 10.23
C ILE C 28 -18.65 18.78 9.15
N GLU C 29 -19.73 18.88 8.37
CA GLU C 29 -19.96 17.97 7.25
C GLU C 29 -18.87 18.15 6.20
N ASN C 30 -18.49 19.41 5.97
CA ASN C 30 -17.41 19.73 5.05
C ASN C 30 -16.16 18.91 5.39
N VAL C 31 -15.77 19.02 6.65
CA VAL C 31 -14.57 18.35 7.14
C VAL C 31 -14.66 16.82 7.07
N LYS C 32 -15.82 16.27 7.43
CA LYS C 32 -16.03 14.83 7.35
C LYS C 32 -15.90 14.33 5.91
N ALA C 33 -16.27 15.19 4.97
CA ALA C 33 -16.10 14.84 3.56
C ALA C 33 -14.60 14.80 3.22
N LYS C 34 -13.84 15.80 3.67
CA LYS C 34 -12.39 15.78 3.42
C LYS C 34 -11.79 14.55 4.05
N ILE C 35 -12.24 14.20 5.25
CA ILE C 35 -11.70 13.03 5.92
C ILE C 35 -12.01 11.77 5.10
N GLN C 36 -13.23 11.71 4.57
CA GLN C 36 -13.65 10.57 3.82
C GLN C 36 -12.78 10.34 2.58
N ASP C 37 -12.41 11.42 1.87
CA ASP C 37 -11.62 11.28 0.64
CA ASP C 37 -11.61 11.30 0.65
C ASP C 37 -10.20 10.83 0.95
N LYS C 38 -9.70 11.23 2.12
CA LYS C 38 -8.38 10.89 2.64
C LYS C 38 -8.32 9.48 3.24
N GLU C 39 -9.15 9.25 4.24
CA GLU C 39 -9.11 8.00 5.00
C GLU C 39 -10.06 6.91 4.53
N GLY C 40 -10.98 7.25 3.62
CA GLY C 40 -11.97 6.28 3.19
C GLY C 40 -12.97 5.85 4.26
N ILE C 41 -13.29 6.74 5.18
CA ILE C 41 -14.35 6.46 6.15
C ILE C 41 -15.58 7.30 5.84
N PRO C 42 -16.72 6.65 5.61
CA PRO C 42 -17.90 7.46 5.28
C PRO C 42 -18.27 8.37 6.45
N PRO C 43 -18.82 9.55 6.15
CA PRO C 43 -19.10 10.58 7.15
C PRO C 43 -19.97 10.05 8.30
N ASP C 44 -20.99 9.24 7.99
CA ASP C 44 -21.85 8.69 9.04
C ASP C 44 -21.14 7.71 9.99
N GLN C 45 -19.91 7.31 9.68
CA GLN C 45 -19.12 6.56 10.67
C GLN C 45 -18.15 7.46 11.46
N GLN C 46 -18.11 8.73 11.12
CA GLN C 46 -17.15 9.61 11.75
C GLN C 46 -17.80 10.31 12.92
N ARG C 47 -17.08 10.33 14.04
CA ARG C 47 -17.41 11.22 15.13
C ARG C 47 -16.17 12.05 15.40
N LEU C 48 -16.31 13.35 15.24
CA LEU C 48 -15.21 14.29 15.43
C LEU C 48 -15.34 14.91 16.80
N ILE C 49 -14.22 14.96 17.52
CA ILE C 49 -14.17 15.51 18.88
C ILE C 49 -13.10 16.59 18.99
N PHE C 50 -13.43 17.69 19.65
CA PHE C 50 -12.46 18.73 19.95
C PHE C 50 -12.65 19.28 21.37
N ALA C 51 -11.56 19.35 22.13
CA ALA C 51 -11.65 19.73 23.54
C ALA C 51 -12.66 18.85 24.27
N GLY C 52 -12.65 17.56 23.93
CA GLY C 52 -13.48 16.59 24.64
C GLY C 52 -14.95 16.62 24.29
N LYS C 53 -15.34 17.45 23.32
CA LYS C 53 -16.73 17.58 22.88
C LYS C 53 -16.94 17.13 21.43
N GLN C 54 -18.05 16.44 21.18
CA GLN C 54 -18.43 16.06 19.82
C GLN C 54 -18.80 17.26 18.94
N LEU C 55 -18.45 17.19 17.66
CA LEU C 55 -18.79 18.28 16.75
C LEU C 55 -19.99 17.88 15.90
N GLU C 56 -21.02 18.70 15.92
CA GLU C 56 -22.27 18.37 15.22
C GLU C 56 -22.26 18.83 13.77
N ASP C 57 -22.84 17.99 12.91
CA ASP C 57 -22.80 18.17 11.45
C ASP C 57 -23.18 19.55 10.90
N GLY C 58 -24.24 20.14 11.43
CA GLY C 58 -24.77 21.37 10.86
C GLY C 58 -24.07 22.65 11.28
N ARG C 59 -22.96 22.50 12.00
CA ARG C 59 -22.29 23.67 12.55
C ARG C 59 -20.95 23.86 11.86
N THR C 60 -20.26 24.94 12.20
CA THR C 60 -19.00 25.25 11.55
C THR C 60 -17.85 25.19 12.55
N LEU C 61 -16.64 25.40 12.05
CA LEU C 61 -15.47 25.38 12.90
C LEU C 61 -15.50 26.56 13.84
N SER C 62 -16.04 27.68 13.36
CA SER C 62 -16.10 28.90 14.15
C SER C 62 -17.00 28.73 15.36
N ASP C 63 -18.04 27.90 15.22
CA ASP C 63 -19.00 27.70 16.31
C ASP C 63 -18.35 27.01 17.50
N TYR C 64 -17.38 26.15 17.20
CA TYR C 64 -16.59 25.47 18.22
C TYR C 64 -15.28 26.21 18.50
N ASN C 65 -15.14 27.37 17.87
CA ASN C 65 -13.98 28.22 18.09
C ASN C 65 -12.68 27.46 17.81
N ILE C 66 -12.69 26.70 16.72
CA ILE C 66 -11.52 25.93 16.30
C ILE C 66 -10.55 26.77 15.46
N GLN C 67 -9.30 26.84 15.90
CA GLN C 67 -8.32 27.76 15.32
C GLN C 67 -7.21 27.03 14.59
N LYS C 68 -6.28 27.80 14.03
CA LYS C 68 -5.13 27.22 13.34
C LYS C 68 -4.37 26.27 14.27
N GLU C 69 -4.03 25.09 13.75
CA GLU C 69 -3.21 24.12 14.50
C GLU C 69 -4.00 23.25 15.46
N SER C 70 -5.31 23.50 15.53
CA SER C 70 -6.17 22.68 16.37
C SER C 70 -6.06 21.21 16.00
N THR C 71 -6.09 20.36 17.02
CA THR C 71 -6.07 18.93 16.81
C THR C 71 -7.44 18.34 17.09
N LEU C 72 -8.09 17.86 16.04
CA LEU C 72 -9.39 17.22 16.16
C LEU C 72 -9.18 15.73 16.32
N HIS C 73 -10.03 15.09 17.11
CA HIS C 73 -9.99 13.64 17.26
C HIS C 73 -11.10 12.90 16.53
N LEU C 74 -10.71 11.84 15.84
CA LEU C 74 -11.68 11.01 15.13
C LEU C 74 -11.83 9.65 15.79
N VAL C 75 -13.07 9.35 16.11
CA VAL C 75 -13.45 8.07 16.64
C VAL C 75 -14.64 7.62 15.84
N LEU C 76 -14.99 6.35 15.99
CA LEU C 76 -16.15 5.79 15.33
C LEU C 76 -17.45 6.35 15.85
N ARG C 77 -18.42 6.44 14.94
CA ARG C 77 -19.76 6.78 15.34
C ARG C 77 -20.16 5.88 16.50
N LEU C 78 -20.80 6.48 17.51
CA LEU C 78 -21.19 5.74 18.70
C LEU C 78 -22.60 6.15 19.07
N ARG C 79 -23.30 5.27 19.77
CA ARG C 79 -24.68 5.53 20.17
C ARG C 79 -24.77 5.62 21.68
N GLY C 80 -25.36 6.71 22.15
CA GLY C 80 -25.54 6.93 23.57
C GLY C 80 -26.46 5.91 24.21
N GLY C 81 -26.15 5.48 25.41
CA GLY C 81 -27.08 4.58 26.06
C GLY C 81 -26.66 4.46 27.53
N ALA D 2 6.42 11.89 -19.19
CA ALA D 2 7.43 10.97 -19.69
C ALA D 2 8.82 11.34 -19.20
N LEU D 3 9.09 12.65 -19.09
CA LEU D 3 10.47 13.10 -18.85
C LEU D 3 10.96 12.59 -17.49
N LYS D 4 10.19 12.84 -16.43
CA LYS D 4 10.53 12.29 -15.10
C LYS D 4 10.83 10.79 -15.14
N ARG D 5 9.95 10.03 -15.77
CA ARG D 5 10.11 8.57 -15.85
C ARG D 5 11.42 8.17 -16.59
N ILE D 6 11.72 8.87 -17.67
CA ILE D 6 12.97 8.63 -18.39
C ILE D 6 14.20 8.98 -17.52
N HIS D 7 14.15 10.12 -16.85
CA HIS D 7 15.23 10.48 -15.92
C HIS D 7 15.43 9.41 -14.85
N LYS D 8 14.32 8.91 -14.30
CA LYS D 8 14.39 7.87 -13.29
C LYS D 8 15.10 6.62 -13.85
N GLU D 9 14.70 6.18 -15.04
CA GLU D 9 15.33 5.02 -15.67
C GLU D 9 16.81 5.26 -15.84
N LEU D 10 17.14 6.44 -16.36
CA LEU D 10 18.52 6.84 -16.55
C LEU D 10 19.30 6.80 -15.24
N ASN D 11 18.70 7.30 -14.17
CA ASN D 11 19.35 7.27 -12.86
C ASN D 11 19.56 5.84 -12.40
N ASP D 12 18.56 5.01 -12.62
CA ASP D 12 18.66 3.61 -12.26
C ASP D 12 19.76 2.90 -13.06
N LEU D 13 19.87 3.22 -14.34
CA LEU D 13 20.92 2.62 -15.17
C LEU D 13 22.31 2.95 -14.62
N ALA D 14 22.51 4.20 -14.22
CA ALA D 14 23.79 4.59 -13.65
C ALA D 14 24.02 3.86 -12.32
N ARG D 15 22.94 3.67 -11.56
CA ARG D 15 23.02 3.05 -10.24
C ARG D 15 23.20 1.53 -10.31
N ASP D 16 22.70 0.92 -11.37
CA ASP D 16 22.94 -0.51 -11.61
C ASP D 16 23.13 -0.82 -13.10
N PRO D 17 24.33 -0.52 -13.63
CA PRO D 17 24.60 -0.81 -15.04
C PRO D 17 24.43 -2.30 -15.35
N PRO D 18 23.64 -2.64 -16.38
CA PRO D 18 23.47 -4.04 -16.77
C PRO D 18 24.67 -4.54 -17.58
N ALA D 19 24.94 -5.83 -17.52
CA ALA D 19 26.04 -6.40 -18.30
C ALA D 19 25.59 -6.61 -19.74
N GLN D 20 26.51 -6.33 -20.67
CA GLN D 20 26.28 -6.55 -22.09
C GLN D 20 25.42 -5.48 -22.78
N CYS D 21 24.74 -4.66 -21.98
CA CYS D 21 23.85 -3.62 -22.53
C CYS D 21 24.16 -2.23 -21.98
N ARG D 22 24.19 -1.23 -22.85
CA ARG D 22 24.33 0.15 -22.41
C ARG D 22 23.36 1.03 -23.17
N ALA D 23 22.78 2.03 -22.50
CA ALA D 23 21.87 2.96 -23.16
C ALA D 23 21.86 4.31 -22.48
N GLY D 24 21.64 5.36 -23.25
CA GLY D 24 21.53 6.69 -22.68
C GLY D 24 21.41 7.72 -23.78
N PRO D 25 21.01 8.94 -23.41
CA PRO D 25 20.85 10.03 -24.35
C PRO D 25 22.15 10.28 -25.09
N VAL D 26 22.02 10.71 -26.34
CA VAL D 26 23.17 11.13 -27.12
C VAL D 26 23.55 12.55 -26.76
N GLY D 27 22.62 13.45 -27.05
CA GLY D 27 22.74 14.88 -26.85
C GLY D 27 22.03 15.32 -25.58
N ASP D 28 21.44 16.50 -25.67
CA ASP D 28 20.58 17.00 -24.61
C ASP D 28 19.14 16.53 -24.80
N ASP D 29 18.89 15.67 -25.77
CA ASP D 29 17.51 15.22 -25.98
C ASP D 29 17.27 13.89 -25.28
N MET D 30 16.51 13.97 -24.19
CA MET D 30 16.27 12.81 -23.33
C MET D 30 15.40 11.78 -24.01
N PHE D 31 14.74 12.19 -25.09
CA PHE D 31 13.78 11.33 -25.77
C PHE D 31 14.37 10.48 -26.90
N HIS D 32 15.63 10.73 -27.24
CA HIS D 32 16.33 9.95 -28.27
CA HIS D 32 16.32 9.96 -28.26
C HIS D 32 17.56 9.34 -27.63
N TRP D 33 17.60 8.02 -27.54
CA TRP D 33 18.76 7.38 -26.89
C TRP D 33 19.52 6.53 -27.87
N GLN D 34 20.80 6.34 -27.58
CA GLN D 34 21.61 5.35 -28.26
C GLN D 34 21.82 4.18 -27.31
N ALA D 35 21.88 2.97 -27.87
CA ALA D 35 22.10 1.78 -27.05
C ALA D 35 23.03 0.84 -27.78
N THR D 36 23.74 0.02 -27.01
CA THR D 36 24.57 -1.03 -27.57
C THR D 36 24.24 -2.34 -26.88
N ILE D 37 24.42 -3.44 -27.59
CA ILE D 37 24.27 -4.77 -27.03
C ILE D 37 25.43 -5.62 -27.50
N MET D 38 26.03 -6.34 -26.56
CA MET D 38 27.01 -7.35 -26.91
C MET D 38 26.29 -8.60 -27.39
N GLY D 39 26.85 -9.26 -28.40
CA GLY D 39 26.35 -10.55 -28.84
C GLY D 39 26.45 -11.56 -27.70
N PRO D 40 25.32 -12.23 -27.37
CA PRO D 40 25.32 -13.19 -26.26
C PRO D 40 26.31 -14.31 -26.49
N ASN D 41 26.89 -14.83 -25.42
CA ASN D 41 27.78 -15.98 -25.55
C ASN D 41 26.99 -17.20 -25.99
N ASP D 42 27.66 -18.10 -26.67
CA ASP D 42 26.99 -19.27 -27.22
C ASP D 42 25.81 -18.83 -28.08
N SER D 43 26.14 -18.10 -29.13
CA SER D 43 25.21 -17.87 -30.22
C SER D 43 26.07 -17.39 -31.34
N PRO D 44 25.48 -17.20 -32.53
CA PRO D 44 26.25 -16.81 -33.72
C PRO D 44 26.76 -15.37 -33.63
N TYR D 45 26.18 -14.59 -32.74
CA TYR D 45 26.48 -13.16 -32.59
C TYR D 45 27.54 -12.89 -31.52
N GLN D 46 28.01 -13.94 -30.87
CA GLN D 46 29.00 -13.80 -29.82
C GLN D 46 30.19 -12.99 -30.29
N GLY D 47 30.64 -12.05 -29.47
CA GLY D 47 31.82 -11.28 -29.79
C GLY D 47 31.48 -10.02 -30.58
N GLY D 48 30.24 -9.95 -31.06
CA GLY D 48 29.79 -8.81 -31.81
C GLY D 48 29.25 -7.71 -30.91
N VAL D 49 29.34 -6.48 -31.40
CA VAL D 49 28.70 -5.34 -30.76
C VAL D 49 27.63 -4.81 -31.69
N PHE D 50 26.47 -4.48 -31.12
CA PHE D 50 25.36 -4.02 -31.93
C PHE D 50 24.78 -2.73 -31.36
N PHE D 51 24.56 -1.75 -32.25
CA PHE D 51 24.04 -0.45 -31.89
C PHE D 51 22.56 -0.42 -32.22
N LEU D 52 21.81 0.31 -31.41
CA LEU D 52 20.40 0.54 -31.65
C LEU D 52 20.09 1.99 -31.36
N THR D 53 19.01 2.47 -31.96
CA THR D 53 18.48 3.80 -31.66
C THR D 53 17.14 3.62 -30.93
N ILE D 54 16.86 4.51 -29.99
CA ILE D 54 15.63 4.41 -29.21
C ILE D 54 14.96 5.75 -29.18
N HIS D 55 13.68 5.78 -29.58
CA HIS D 55 12.90 7.03 -29.54
CA HIS D 55 12.90 7.02 -29.52
C HIS D 55 11.68 6.82 -28.63
N PHE D 56 11.61 7.61 -27.56
CA PHE D 56 10.50 7.55 -26.61
C PHE D 56 9.41 8.47 -27.11
N PRO D 57 8.16 8.01 -27.08
CA PRO D 57 6.97 8.80 -27.40
C PRO D 57 6.69 9.80 -26.26
N THR D 58 5.95 10.87 -26.54
CA THR D 58 5.71 11.89 -25.51
C THR D 58 4.82 11.38 -24.37
N ASP D 59 4.04 10.34 -24.63
CA ASP D 59 3.23 9.65 -23.62
C ASP D 59 3.85 8.39 -22.97
N TYR D 60 5.13 8.13 -23.22
CA TYR D 60 5.80 7.03 -22.54
C TYR D 60 5.60 7.23 -20.99
N PRO D 61 5.54 6.14 -20.21
CA PRO D 61 5.54 4.77 -20.71
C PRO D 61 4.16 4.17 -20.93
N PHE D 62 3.20 4.93 -21.45
CA PHE D 62 1.91 4.31 -21.72
C PHE D 62 1.89 3.74 -23.14
N LYS D 63 2.84 4.17 -23.97
CA LYS D 63 3.07 3.58 -25.29
C LYS D 63 4.51 3.14 -25.28
N PRO D 64 4.87 2.14 -26.11
CA PRO D 64 6.23 1.61 -26.14
C PRO D 64 7.21 2.56 -26.85
N PRO D 65 8.48 2.44 -26.50
CA PRO D 65 9.52 3.19 -27.20
C PRO D 65 9.70 2.62 -28.61
N LYS D 66 10.16 3.43 -29.56
CA LYS D 66 10.50 2.88 -30.87
C LYS D 66 11.97 2.47 -30.88
N VAL D 67 12.22 1.22 -31.18
CA VAL D 67 13.57 0.70 -31.06
C VAL D 67 13.98 0.08 -32.37
N ALA D 68 15.20 0.35 -32.82
CA ALA D 68 15.68 -0.23 -34.07
C ALA D 68 17.21 -0.47 -34.07
N PHE D 69 17.64 -1.56 -34.71
CA PHE D 69 19.07 -1.77 -34.92
C PHE D 69 19.63 -0.80 -35.93
N THR D 70 20.79 -0.24 -35.65
CA THR D 70 21.57 0.42 -36.68
C THR D 70 22.75 -0.42 -37.20
N THR D 71 22.94 -1.60 -36.62
CA THR D 71 23.98 -2.50 -37.08
C THR D 71 23.32 -3.62 -37.85
N ARG D 72 23.87 -3.95 -39.02
CA ARG D 72 23.37 -5.04 -39.83
C ARG D 72 23.49 -6.33 -39.05
N ILE D 73 22.44 -7.14 -39.06
CA ILE D 73 22.42 -8.38 -38.29
C ILE D 73 21.56 -9.40 -39.00
N TYR D 74 21.95 -10.66 -38.92
CA TYR D 74 21.27 -11.72 -39.63
C TYR D 74 20.35 -12.47 -38.69
N HIS D 75 19.04 -12.32 -38.87
CA HIS D 75 18.06 -12.79 -37.89
C HIS D 75 16.68 -12.58 -38.51
N PRO D 76 15.76 -13.56 -38.31
CA PRO D 76 14.44 -13.55 -38.93
C PRO D 76 13.52 -12.41 -38.47
N ALA D 77 13.80 -11.86 -37.29
CA ALA D 77 12.94 -10.82 -36.71
C ALA D 77 13.42 -9.40 -36.98
N ILE D 78 14.52 -9.27 -37.71
CA ILE D 78 15.13 -7.94 -37.89
C ILE D 78 15.44 -7.72 -39.36
N ASN D 79 14.81 -6.72 -39.96
CA ASN D 79 14.94 -6.47 -41.40
C ASN D 79 16.03 -5.46 -41.70
N SER D 80 16.25 -5.16 -42.98
CA SER D 80 17.39 -4.36 -43.38
C SER D 80 17.22 -2.87 -43.04
N ASN D 81 16.02 -2.46 -42.64
CA ASN D 81 15.82 -1.13 -42.06
C ASN D 81 16.10 -1.17 -40.57
N GLY D 82 16.49 -2.33 -40.08
CA GLY D 82 16.77 -2.53 -38.67
C GLY D 82 15.54 -2.63 -37.78
N SER D 83 14.36 -2.76 -38.39
CA SER D 83 13.12 -2.90 -37.64
C SER D 83 13.07 -4.29 -37.02
N ILE D 84 12.47 -4.36 -35.84
CA ILE D 84 12.44 -5.57 -35.03
C ILE D 84 11.01 -6.03 -34.89
N SER D 85 10.77 -7.33 -35.01
CA SER D 85 9.43 -7.83 -34.84
C SER D 85 9.45 -8.40 -33.45
N LEU D 86 8.86 -7.66 -32.52
CA LEU D 86 8.78 -8.08 -31.13
C LEU D 86 7.50 -7.59 -30.52
N ASP D 87 6.70 -8.49 -29.96
CA ASP D 87 5.37 -8.12 -29.51
C ASP D 87 5.34 -7.04 -28.43
N ILE D 88 6.30 -7.06 -27.50
CA ILE D 88 6.29 -6.09 -26.39
C ILE D 88 6.53 -4.67 -26.91
N LEU D 89 6.96 -4.56 -28.16
CA LEU D 89 7.15 -3.27 -28.75
C LEU D 89 5.90 -2.80 -29.43
N ARG D 90 4.89 -3.67 -29.55
CA ARG D 90 3.64 -3.18 -30.09
C ARG D 90 2.41 -3.43 -29.24
N SER D 91 1.85 -4.63 -29.35
CA SER D 91 0.58 -4.97 -28.70
C SER D 91 0.78 -5.39 -27.25
N GLN D 92 1.85 -6.12 -27.01
CA GLN D 92 2.14 -6.70 -25.69
C GLN D 92 2.98 -5.80 -24.79
N TRP D 93 3.22 -4.58 -25.21
CA TRP D 93 3.91 -3.61 -24.37
C TRP D 93 3.22 -3.50 -22.98
N SER D 94 4.02 -3.44 -21.92
CA SER D 94 3.48 -3.10 -20.61
C SER D 94 4.15 -1.83 -20.15
N PRO D 95 3.37 -0.95 -19.53
CA PRO D 95 3.87 0.34 -19.02
C PRO D 95 4.84 0.16 -17.84
N ALA D 96 4.90 -1.04 -17.28
CA ALA D 96 5.93 -1.32 -16.27
C ALA D 96 7.30 -1.74 -16.88
N LEU D 97 7.36 -2.02 -18.18
CA LEU D 97 8.66 -2.33 -18.81
C LEU D 97 9.56 -1.11 -18.84
N THR D 98 10.86 -1.34 -18.90
CA THR D 98 11.87 -0.28 -18.97
C THR D 98 12.80 -0.62 -20.11
N ILE D 99 13.64 0.34 -20.51
CA ILE D 99 14.61 0.12 -21.57
C ILE D 99 15.53 -1.02 -21.22
N SER D 100 15.96 -1.05 -19.96
CA SER D 100 16.80 -2.15 -19.48
C SER D 100 16.15 -3.48 -19.85
N LYS D 101 14.87 -3.62 -19.54
CA LYS D 101 14.19 -4.89 -19.78
C LYS D 101 13.97 -5.11 -21.27
N VAL D 102 13.65 -4.05 -21.99
CA VAL D 102 13.49 -4.20 -23.43
C VAL D 102 14.77 -4.72 -24.08
N LEU D 103 15.90 -4.13 -23.73
CA LEU D 103 17.17 -4.58 -24.31
C LEU D 103 17.42 -6.04 -23.99
N LEU D 104 17.07 -6.44 -22.77
CA LEU D 104 17.30 -7.81 -22.37
C LEU D 104 16.37 -8.73 -23.16
N SER D 105 15.15 -8.28 -23.40
CA SER D 105 14.25 -9.12 -24.17
C SER D 105 14.86 -9.30 -25.55
N ILE D 106 15.48 -8.23 -26.04
CA ILE D 106 16.07 -8.29 -27.35
C ILE D 106 17.20 -9.31 -27.40
N CYS D 107 18.15 -9.23 -26.47
CA CYS D 107 19.20 -10.24 -26.41
C CYS D 107 18.58 -11.62 -26.45
N SER D 108 17.55 -11.80 -25.64
CA SER D 108 16.91 -13.09 -25.50
C SER D 108 16.42 -13.59 -26.86
N LEU D 109 15.92 -12.66 -27.67
CA LEU D 109 15.39 -13.01 -28.97
C LEU D 109 16.51 -13.50 -29.88
N LEU D 110 17.68 -12.89 -29.74
CA LEU D 110 18.84 -13.24 -30.55
C LEU D 110 19.22 -14.71 -30.41
N CYS D 111 19.25 -15.23 -29.18
CA CYS D 111 19.57 -16.65 -28.96
C CYS D 111 18.44 -17.57 -29.42
N ASP D 112 17.20 -17.13 -29.24
CA ASP D 112 16.08 -18.00 -29.54
C ASP D 112 15.07 -17.31 -30.41
N PRO D 113 15.27 -17.35 -31.72
CA PRO D 113 14.37 -16.70 -32.67
C PRO D 113 12.94 -17.24 -32.56
N ASN D 114 11.94 -16.39 -32.83
CA ASN D 114 10.56 -16.83 -32.82
C ASN D 114 10.09 -17.26 -34.21
N PRO D 115 9.64 -18.51 -34.31
CA PRO D 115 9.14 -19.12 -35.54
C PRO D 115 7.83 -18.50 -36.03
N ASP D 116 7.06 -17.91 -35.12
CA ASP D 116 5.77 -17.35 -35.50
C ASP D 116 5.90 -15.98 -36.20
N ASP D 117 5.35 -15.90 -37.40
CA ASP D 117 5.25 -14.66 -38.17
C ASP D 117 6.51 -13.77 -38.18
N PRO D 118 7.62 -14.29 -38.73
CA PRO D 118 8.92 -13.60 -38.76
C PRO D 118 8.92 -12.46 -39.78
N LEU D 119 9.82 -11.50 -39.58
CA LEU D 119 9.89 -10.32 -40.43
C LEU D 119 10.60 -10.55 -41.76
N VAL D 120 11.59 -11.44 -41.78
CA VAL D 120 12.39 -11.67 -42.98
C VAL D 120 12.27 -13.12 -43.39
N PRO D 121 11.23 -13.43 -44.18
CA PRO D 121 10.81 -14.81 -44.40
C PRO D 121 11.94 -15.69 -44.94
N GLU D 122 12.78 -15.17 -45.84
CA GLU D 122 13.84 -15.99 -46.40
C GLU D 122 14.81 -16.46 -45.30
N ILE D 123 15.11 -15.58 -44.34
CA ILE D 123 15.93 -15.99 -43.20
C ILE D 123 15.23 -17.05 -42.35
N ALA D 124 13.97 -16.79 -42.01
CA ALA D 124 13.20 -17.74 -41.24
C ALA D 124 13.15 -19.09 -41.94
N ARG D 125 13.00 -19.05 -43.26
CA ARG D 125 12.96 -20.27 -44.05
C ARG D 125 14.25 -21.07 -43.85
N ILE D 126 15.38 -20.39 -44.02
CA ILE D 126 16.67 -21.00 -43.74
C ILE D 126 16.75 -21.52 -42.31
N TYR D 127 16.47 -20.67 -41.33
CA TYR D 127 16.49 -21.10 -39.94
C TYR D 127 15.62 -22.32 -39.71
N LYS D 128 14.52 -22.38 -40.44
CA LYS D 128 13.59 -23.49 -40.27
C LYS D 128 14.16 -24.80 -40.81
N THR D 129 14.89 -24.73 -41.92
CA THR D 129 15.37 -25.95 -42.56
C THR D 129 16.82 -26.29 -42.21
N ASP D 130 17.77 -25.50 -42.72
CA ASP D 130 19.18 -25.77 -42.48
C ASP D 130 19.73 -24.82 -41.44
N ARG D 131 20.03 -25.34 -40.25
CA ARG D 131 20.55 -24.54 -39.16
C ARG D 131 22.04 -24.22 -39.29
N GLU D 132 22.82 -25.19 -39.79
CA GLU D 132 24.24 -24.97 -40.02
C GLU D 132 24.42 -23.78 -40.96
N LYS D 133 23.56 -23.68 -41.96
CA LYS D 133 23.56 -22.55 -42.88
C LYS D 133 23.24 -21.29 -42.09
N TYR D 134 22.09 -21.28 -41.42
CA TYR D 134 21.67 -20.10 -40.68
C TYR D 134 22.76 -19.63 -39.74
N ASN D 135 23.29 -20.52 -38.92
CA ASN D 135 24.32 -20.16 -37.95
C ASN D 135 25.57 -19.62 -38.63
N ARG D 136 25.94 -20.28 -39.73
CA ARG D 136 27.15 -19.89 -40.46
C ARG D 136 27.04 -18.45 -40.92
N ILE D 137 25.99 -18.16 -41.70
CA ILE D 137 25.80 -16.82 -42.25
C ILE D 137 25.66 -15.78 -41.13
N ALA D 138 25.01 -16.17 -40.04
CA ALA D 138 24.83 -15.25 -38.92
C ALA D 138 26.18 -14.85 -38.35
N ARG D 139 27.11 -15.81 -38.23
CA ARG D 139 28.47 -15.54 -37.73
C ARG D 139 29.27 -14.70 -38.70
N GLU D 140 29.20 -15.06 -39.98
CA GLU D 140 29.89 -14.30 -41.02
C GLU D 140 29.42 -12.87 -40.97
N TRP D 141 28.11 -12.70 -40.84
CA TRP D 141 27.57 -11.36 -40.79
C TRP D 141 28.10 -10.66 -39.56
N THR D 142 28.23 -11.42 -38.46
CA THR D 142 28.76 -10.87 -37.22
C THR D 142 30.24 -10.52 -37.37
N GLN D 143 31.01 -11.45 -37.93
CA GLN D 143 32.44 -11.21 -38.20
C GLN D 143 32.66 -9.95 -39.04
N LYS D 144 31.77 -9.73 -39.99
CA LYS D 144 31.92 -8.65 -40.96
C LYS D 144 31.48 -7.29 -40.44
N TYR D 145 30.21 -7.19 -40.06
CA TYR D 145 29.58 -5.95 -39.59
C TYR D 145 29.72 -5.55 -38.10
N ALA D 146 29.82 -6.55 -37.21
CA ALA D 146 29.80 -6.29 -35.76
C ALA D 146 31.12 -6.28 -35.00
N MET D 147 32.24 -6.42 -35.69
CA MET D 147 33.55 -6.47 -35.01
C MET D 147 34.59 -5.52 -35.60
N GLN E 6 18.23 0.16 3.89
CA GLN E 6 17.03 -0.60 4.27
C GLN E 6 15.74 0.24 4.21
N LEU E 7 15.90 1.56 4.23
CA LEU E 7 14.79 2.48 4.03
C LEU E 7 14.48 2.56 2.55
N ARG E 8 15.49 2.31 1.74
CA ARG E 8 15.34 2.30 0.29
C ARG E 8 14.50 1.10 -0.10
N ARG E 9 14.62 0.02 0.67
CA ARG E 9 13.80 -1.16 0.46
C ARG E 9 12.32 -0.79 0.62
N LEU E 10 12.02 0.03 1.62
CA LEU E 10 10.65 0.46 1.91
C LEU E 10 10.11 1.51 0.94
N GLN E 11 10.87 2.57 0.70
CA GLN E 11 10.37 3.63 -0.16
C GLN E 11 10.16 3.15 -1.59
N GLU E 12 10.98 2.18 -2.00
CA GLU E 12 10.86 1.64 -3.35
C GLU E 12 9.89 0.46 -3.41
N GLU E 13 9.49 -0.07 -2.25
CA GLU E 13 8.49 -1.13 -2.25
C GLU E 13 7.11 -0.54 -2.47
N ARG E 14 6.94 0.73 -2.07
CA ARG E 14 5.65 1.39 -2.20
C ARG E 14 5.54 2.26 -3.45
N THR E 15 6.61 2.32 -4.23
CA THR E 15 6.59 3.15 -5.42
C THR E 15 5.94 2.45 -6.61
N CYS E 16 4.97 3.12 -7.20
CA CYS E 16 4.33 2.67 -8.44
C CYS E 16 5.35 2.32 -9.49
N LYS E 17 5.24 1.14 -10.09
CA LYS E 17 6.26 0.72 -11.02
C LYS E 17 5.96 1.14 -12.45
N VAL E 18 4.85 1.84 -12.63
CA VAL E 18 4.59 2.43 -13.94
C VAL E 18 5.27 3.79 -14.06
N CYS E 19 4.88 4.75 -13.25
CA CYS E 19 5.47 6.06 -13.31
C CYS E 19 6.84 6.16 -12.60
N LEU E 20 7.17 5.18 -11.76
CA LEU E 20 8.39 5.20 -10.96
C LEU E 20 8.46 6.41 -10.02
N ASP E 21 7.31 6.97 -9.65
CA ASP E 21 7.31 8.25 -8.96
C ASP E 21 6.41 8.24 -7.71
N ARG E 22 5.09 8.24 -7.92
CA ARG E 22 4.14 8.31 -6.80
C ARG E 22 4.02 6.98 -6.03
N ALA E 23 3.53 7.05 -4.79
CA ALA E 23 3.19 5.84 -3.99
C ALA E 23 1.95 5.16 -4.56
N VAL E 24 1.91 3.83 -4.46
CA VAL E 24 0.75 3.04 -4.93
C VAL E 24 -0.46 3.30 -4.04
N SER E 25 -1.66 3.26 -4.63
CA SER E 25 -2.93 3.46 -3.91
C SER E 25 -3.96 2.43 -4.35
N ILE E 26 -3.99 2.20 -5.66
CA ILE E 26 -4.98 1.35 -6.32
C ILE E 26 -4.57 -0.11 -6.43
N VAL E 27 -5.43 -1.00 -5.93
CA VAL E 27 -5.22 -2.43 -6.07
C VAL E 27 -6.06 -3.00 -7.21
N PHE E 28 -5.44 -3.85 -8.04
CA PHE E 28 -6.13 -4.56 -9.11
C PHE E 28 -6.65 -5.90 -8.59
N VAL E 29 -7.91 -6.20 -8.85
CA VAL E 29 -8.43 -7.53 -8.51
C VAL E 29 -8.82 -8.24 -9.80
N PRO E 30 -8.62 -9.57 -9.84
CA PRO E 30 -8.10 -10.44 -8.78
C PRO E 30 -6.59 -10.45 -8.46
N CYS E 31 -5.71 -9.99 -9.35
CA CYS E 31 -4.27 -10.30 -9.22
C CYS E 31 -3.58 -9.78 -7.95
N GLY E 32 -4.04 -8.62 -7.47
CA GLY E 32 -3.53 -8.10 -6.23
C GLY E 32 -2.34 -7.15 -6.34
N HIS E 33 -1.92 -6.83 -7.56
CA HIS E 33 -0.81 -5.85 -7.73
C HIS E 33 -1.32 -4.43 -7.56
N LEU E 34 -0.44 -3.48 -7.26
CA LEU E 34 -0.88 -2.11 -7.07
C LEU E 34 -0.17 -1.11 -7.98
N VAL E 35 -0.87 -0.03 -8.28
CA VAL E 35 -0.27 1.10 -8.98
C VAL E 35 -0.78 2.39 -8.32
N CYS E 36 -0.20 3.52 -8.69
CA CYS E 36 -0.66 4.78 -8.13
C CYS E 36 -1.97 5.15 -8.81
N ALA E 37 -2.74 6.03 -8.19
CA ALA E 37 -4.04 6.44 -8.71
C ALA E 37 -3.97 7.22 -10.05
N GLU E 38 -2.85 7.86 -10.31
CA GLU E 38 -2.65 8.63 -11.53
C GLU E 38 -2.42 7.66 -12.71
N CYS E 39 -1.74 6.54 -12.47
CA CYS E 39 -1.47 5.58 -13.55
C CYS E 39 -2.63 4.63 -13.84
N ALA E 40 -3.38 4.28 -12.80
CA ALA E 40 -4.41 3.24 -12.90
C ALA E 40 -5.46 3.36 -14.02
N PRO E 41 -6.01 4.54 -14.26
CA PRO E 41 -7.23 4.55 -15.09
C PRO E 41 -7.07 4.02 -16.51
N GLY E 42 -5.96 4.30 -17.17
CA GLY E 42 -5.75 3.83 -18.52
C GLY E 42 -5.56 2.33 -18.66
N LEU E 43 -5.35 1.64 -17.53
CA LEU E 43 -4.86 0.27 -17.55
C LEU E 43 -5.97 -0.76 -17.49
N GLN E 44 -6.16 -1.51 -18.58
CA GLN E 44 -7.11 -2.63 -18.60
C GLN E 44 -6.49 -3.97 -18.20
N LEU E 45 -5.16 -4.05 -18.27
CA LEU E 45 -4.46 -5.28 -17.99
C LEU E 45 -3.44 -4.90 -16.92
N CYS E 46 -3.14 -5.79 -16.00
CA CYS E 46 -2.15 -5.44 -15.00
C CYS E 46 -0.79 -5.29 -15.68
N PRO E 47 -0.10 -4.18 -15.41
CA PRO E 47 1.21 -3.93 -16.04
C PRO E 47 2.26 -4.91 -15.53
N ILE E 48 2.02 -5.44 -14.34
CA ILE E 48 2.95 -6.35 -13.68
C ILE E 48 2.77 -7.79 -14.19
N CYS E 49 1.59 -8.35 -14.01
CA CYS E 49 1.34 -9.73 -14.42
C CYS E 49 0.49 -10.00 -15.68
N ARG E 50 -0.06 -8.97 -16.30
CA ARG E 50 -0.93 -9.11 -17.49
C ARG E 50 -2.36 -9.63 -17.22
N ALA E 51 -2.67 -9.94 -15.98
CA ALA E 51 -4.01 -10.34 -15.61
C ALA E 51 -5.01 -9.27 -16.01
N PRO E 52 -6.15 -9.69 -16.55
CA PRO E 52 -7.21 -8.71 -16.74
C PRO E 52 -7.59 -8.10 -15.41
N VAL E 53 -7.86 -6.80 -15.43
CA VAL E 53 -8.28 -6.12 -14.22
C VAL E 53 -9.79 -6.15 -14.22
N ARG E 54 -10.38 -7.00 -13.38
CA ARG E 54 -11.84 -7.14 -13.38
C ARG E 54 -12.46 -6.04 -12.55
N SER E 55 -11.74 -5.61 -11.52
CA SER E 55 -12.06 -4.36 -10.85
C SER E 55 -10.83 -3.77 -10.18
N ARG E 56 -10.91 -2.50 -9.83
CA ARG E 56 -9.82 -1.87 -9.13
C ARG E 56 -10.37 -1.30 -7.85
N VAL E 57 -9.54 -1.25 -6.82
CA VAL E 57 -9.98 -0.79 -5.52
C VAL E 57 -9.01 0.23 -4.95
N ARG E 58 -9.56 1.38 -4.56
CA ARG E 58 -8.81 2.43 -3.89
C ARG E 58 -8.47 2.00 -2.47
N THR E 59 -7.20 2.04 -2.11
CA THR E 59 -6.83 1.66 -0.75
C THR E 59 -6.50 2.86 0.11
N PHE E 60 -6.72 2.70 1.40
CA PHE E 60 -6.38 3.72 2.35
C PHE E 60 -5.45 3.11 3.38
N LEU E 61 -4.17 3.44 3.26
CA LEU E 61 -3.16 2.89 4.15
C LEU E 61 -2.67 4.00 5.05
N SER E 62 -3.04 3.89 6.31
CA SER E 62 -2.83 4.94 7.29
C SER E 62 -1.96 4.40 8.41
N GLN F 7 21.12 -19.51 -1.54
CA GLN F 7 20.63 -18.15 -1.70
C GLN F 7 20.98 -17.59 -3.09
N ILE F 8 19.96 -17.41 -3.93
CA ILE F 8 20.14 -16.81 -5.24
C ILE F 8 19.41 -15.47 -5.31
N PHE F 9 19.55 -14.77 -6.43
CA PHE F 9 18.92 -13.45 -6.60
C PHE F 9 18.17 -13.33 -7.92
N VAL F 10 16.97 -12.79 -7.87
CA VAL F 10 16.16 -12.58 -9.06
C VAL F 10 15.76 -11.11 -9.18
N LYS F 11 15.91 -10.56 -10.38
CA LYS F 11 15.56 -9.16 -10.62
C LYS F 11 14.22 -9.11 -11.33
N THR F 12 13.19 -8.65 -10.61
CA THR F 12 11.82 -8.79 -11.08
C THR F 12 11.52 -7.84 -12.23
N LEU F 13 10.30 -7.91 -12.76
CA LEU F 13 9.90 -7.08 -13.89
C LEU F 13 10.18 -5.61 -13.61
N THR F 14 10.00 -5.20 -12.36
CA THR F 14 10.14 -3.80 -11.96
C THR F 14 11.50 -3.46 -11.37
N GLY F 15 12.39 -4.44 -11.30
CA GLY F 15 13.74 -4.19 -10.83
C GLY F 15 13.97 -4.45 -9.35
N LYS F 16 12.94 -4.89 -8.64
CA LYS F 16 13.11 -5.27 -7.24
C LYS F 16 13.87 -6.58 -7.17
N THR F 17 14.91 -6.62 -6.34
CA THR F 17 15.73 -7.83 -6.22
C THR F 17 15.24 -8.71 -5.09
N ILE F 18 14.68 -9.87 -5.45
CA ILE F 18 14.24 -10.83 -4.46
C ILE F 18 15.30 -11.90 -4.23
N THR F 19 15.43 -12.36 -2.99
CA THR F 19 16.33 -13.44 -2.66
C THR F 19 15.56 -14.76 -2.62
N LEU F 20 16.05 -15.75 -3.35
CA LEU F 20 15.38 -17.04 -3.37
C LEU F 20 16.12 -18.06 -2.50
N GLU F 21 15.52 -19.25 -2.34
CA GLU F 21 16.19 -20.36 -1.69
C GLU F 21 15.90 -21.66 -2.44
N VAL F 22 16.94 -22.27 -3.01
CA VAL F 22 16.74 -23.49 -3.78
C VAL F 22 18.00 -24.33 -3.93
N GLU F 23 17.81 -25.60 -4.25
CA GLU F 23 18.92 -26.47 -4.60
C GLU F 23 19.12 -26.44 -6.11
N PRO F 24 20.33 -26.83 -6.57
CA PRO F 24 20.61 -26.94 -8.01
C PRO F 24 19.67 -27.94 -8.67
N SER F 25 19.03 -28.77 -7.83
CA SER F 25 18.11 -29.78 -8.30
C SER F 25 16.83 -29.16 -8.86
N ASP F 26 16.46 -28.00 -8.30
CA ASP F 26 15.22 -27.32 -8.69
C ASP F 26 15.26 -26.91 -10.16
N THR F 27 14.19 -27.22 -10.89
CA THR F 27 14.10 -26.91 -12.31
C THR F 27 13.72 -25.45 -12.52
N ILE F 28 13.62 -25.03 -13.79
CA ILE F 28 13.21 -23.67 -14.12
C ILE F 28 11.71 -23.48 -13.91
N GLU F 29 10.96 -24.57 -14.03
CA GLU F 29 9.52 -24.55 -13.77
C GLU F 29 9.25 -24.41 -12.27
N ASN F 30 10.02 -25.14 -11.46
CA ASN F 30 9.89 -25.07 -10.00
C ASN F 30 10.16 -23.67 -9.48
N VAL F 31 11.15 -23.01 -10.08
CA VAL F 31 11.54 -21.68 -9.65
C VAL F 31 10.45 -20.64 -9.92
N LYS F 32 9.84 -20.71 -11.10
CA LYS F 32 8.78 -19.80 -11.50
C LYS F 32 7.62 -19.83 -10.51
N ALA F 33 7.43 -20.99 -9.85
CA ALA F 33 6.35 -21.13 -8.87
C ALA F 33 6.67 -20.37 -7.59
N LYS F 34 7.93 -20.42 -7.17
CA LYS F 34 8.38 -19.65 -6.02
C LYS F 34 8.28 -18.15 -6.30
N ILE F 35 8.65 -17.76 -7.52
CA ILE F 35 8.53 -16.38 -7.94
C ILE F 35 7.06 -15.97 -7.93
N GLN F 36 6.20 -16.85 -8.42
CA GLN F 36 4.75 -16.64 -8.35
C GLN F 36 4.26 -16.49 -6.91
N ASP F 37 4.67 -17.41 -6.05
CA ASP F 37 4.33 -17.35 -4.64
C ASP F 37 4.74 -16.01 -4.03
N LYS F 38 5.93 -15.54 -4.39
CA LYS F 38 6.45 -14.30 -3.86
C LYS F 38 5.84 -13.05 -4.52
N GLU F 39 5.85 -13.00 -5.85
CA GLU F 39 5.43 -11.80 -6.60
C GLU F 39 4.01 -11.78 -7.19
N GLY F 40 3.28 -12.88 -7.06
CA GLY F 40 1.93 -12.99 -7.62
C GLY F 40 1.81 -12.96 -9.13
N ILE F 41 2.86 -13.44 -9.82
CA ILE F 41 2.90 -13.41 -11.28
C ILE F 41 2.79 -14.82 -11.86
N PRO F 42 1.76 -15.06 -12.68
CA PRO F 42 1.58 -16.38 -13.30
C PRO F 42 2.85 -16.85 -14.02
N PRO F 43 3.26 -18.10 -13.78
CA PRO F 43 4.48 -18.64 -14.40
C PRO F 43 4.50 -18.52 -15.93
N ASP F 44 3.34 -18.51 -16.57
CA ASP F 44 3.27 -18.41 -18.03
C ASP F 44 3.62 -16.99 -18.52
N GLN F 45 3.51 -16.00 -17.64
CA GLN F 45 3.91 -14.63 -17.95
C GLN F 45 5.38 -14.38 -17.60
N GLN F 46 6.04 -15.40 -17.04
CA GLN F 46 7.43 -15.28 -16.63
C GLN F 46 8.41 -15.82 -17.67
N ARG F 47 9.36 -14.96 -18.04
CA ARG F 47 10.49 -15.38 -18.85
C ARG F 47 11.74 -15.06 -18.02
N LEU F 48 12.53 -16.07 -17.72
CA LEU F 48 13.75 -15.89 -16.93
C LEU F 48 15.00 -15.96 -17.80
N ILE F 49 16.00 -15.15 -17.46
CA ILE F 49 17.17 -15.02 -18.31
C ILE F 49 18.51 -15.16 -17.57
N PHE F 50 19.33 -16.12 -18.01
CA PHE F 50 20.70 -16.22 -17.57
C PHE F 50 21.59 -15.57 -18.62
N ALA F 51 22.50 -14.70 -18.20
CA ALA F 51 23.30 -13.92 -19.13
C ALA F 51 22.38 -13.17 -20.08
N GLY F 52 22.49 -13.48 -21.37
CA GLY F 52 21.59 -12.92 -22.36
C GLY F 52 20.64 -13.94 -22.94
N LYS F 53 20.60 -15.14 -22.36
CA LYS F 53 19.82 -16.24 -22.92
C LYS F 53 18.67 -16.72 -22.03
N GLN F 54 17.59 -17.20 -22.64
CA GLN F 54 16.39 -17.63 -21.93
C GLN F 54 16.51 -18.98 -21.21
N LEU F 55 15.78 -19.13 -20.11
CA LEU F 55 15.74 -20.39 -19.37
C LEU F 55 14.40 -21.09 -19.60
N GLU F 56 14.45 -22.23 -20.30
CA GLU F 56 13.23 -22.96 -20.62
C GLU F 56 12.74 -23.83 -19.46
N ASP F 57 11.59 -24.48 -19.65
CA ASP F 57 10.88 -25.14 -18.57
C ASP F 57 11.54 -26.42 -18.06
N GLY F 58 12.09 -27.20 -18.98
CA GLY F 58 12.59 -28.52 -18.67
C GLY F 58 13.91 -28.60 -17.94
N ARG F 59 14.83 -27.69 -18.25
CA ARG F 59 16.18 -27.77 -17.71
C ARG F 59 16.25 -27.41 -16.23
N THR F 60 17.45 -27.40 -15.67
CA THR F 60 17.65 -27.20 -14.24
C THR F 60 18.57 -26.00 -13.94
N LEU F 61 18.53 -25.54 -12.70
CA LEU F 61 19.41 -24.45 -12.26
C LEU F 61 20.87 -24.86 -12.39
N SER F 62 21.13 -26.17 -12.29
CA SER F 62 22.47 -26.73 -12.45
C SER F 62 22.87 -26.89 -13.91
N ASP F 63 21.87 -27.13 -14.77
CA ASP F 63 22.12 -27.33 -16.21
C ASP F 63 22.52 -26.04 -16.91
N TYR F 64 22.16 -24.90 -16.34
CA TYR F 64 22.55 -23.59 -16.88
C TYR F 64 23.81 -23.04 -16.20
N ASN F 65 24.36 -23.81 -15.27
CA ASN F 65 25.52 -23.39 -14.50
C ASN F 65 25.25 -22.16 -13.61
N ILE F 66 24.17 -22.23 -12.84
CA ILE F 66 23.86 -21.18 -11.86
C ILE F 66 24.56 -21.47 -10.55
N GLN F 67 25.42 -20.56 -10.12
CA GLN F 67 26.21 -20.74 -8.90
C GLN F 67 25.57 -20.09 -7.68
N LYS F 68 26.22 -20.21 -6.53
CA LYS F 68 25.71 -19.63 -5.29
C LYS F 68 25.66 -18.11 -5.39
N GLU F 69 24.49 -17.54 -5.13
CA GLU F 69 24.27 -16.10 -5.27
C GLU F 69 24.36 -15.61 -6.71
N SER F 70 23.93 -16.44 -7.66
CA SER F 70 23.90 -16.05 -9.07
C SER F 70 22.67 -15.20 -9.37
N THR F 71 22.81 -14.24 -10.27
CA THR F 71 21.75 -13.26 -10.54
C THR F 71 20.94 -13.59 -11.79
N LEU F 72 19.64 -13.72 -11.62
CA LEU F 72 18.73 -14.06 -12.72
C LEU F 72 17.81 -12.88 -12.99
N HIS F 73 17.29 -12.82 -14.22
CA HIS F 73 16.45 -11.70 -14.62
C HIS F 73 15.09 -12.14 -15.13
N LEU F 74 14.05 -11.64 -14.48
CA LEU F 74 12.69 -11.86 -14.92
C LEU F 74 12.25 -10.75 -15.86
N VAL F 75 11.60 -11.13 -16.96
CA VAL F 75 10.91 -10.18 -17.82
C VAL F 75 9.56 -10.76 -18.18
N LEU F 76 8.79 -10.02 -18.97
CA LEU F 76 7.45 -10.47 -19.39
C LEU F 76 7.53 -11.50 -20.53
N ARG F 77 6.49 -12.32 -20.63
CA ARG F 77 6.41 -13.29 -21.70
C ARG F 77 6.46 -12.54 -23.03
N LEU F 78 7.18 -13.10 -24.00
CA LEU F 78 7.33 -12.47 -25.31
C LEU F 78 6.87 -13.40 -26.44
N ARG F 79 6.65 -12.82 -27.61
CA ARG F 79 6.28 -13.56 -28.81
C ARG F 79 6.35 -12.64 -30.02
N GLY F 80 5.99 -13.17 -31.19
CA GLY F 80 5.89 -12.37 -32.41
C GLY F 80 7.14 -12.36 -33.26
N GLY F 81 6.95 -12.29 -34.57
CA GLY F 81 8.07 -12.24 -35.49
C GLY F 81 8.13 -10.90 -36.21
ZN ZN G . -2.91 -7.81 12.22
ZN ZN H . -12.87 -0.18 5.73
ZN ZN I . 2.11 5.60 -11.15
ZN ZN J . -1.09 -8.22 -11.56
#